data_4M6W
#
_entry.id   4M6W
#
_cell.length_a   79.174
_cell.length_b   98.111
_cell.length_c   140.156
_cell.angle_alpha   90.000
_cell.angle_beta   90.000
_cell.angle_gamma   90.000
#
_symmetry.space_group_name_H-M   'I 2 2 2'
#
loop_
_entity.id
_entity.type
_entity.pdbx_description
1 polymer 'Fanconi anemia group M protein'
2 polymer 'Fanconi anemia-associated protein of 24 kDa'
3 non-polymer 'SULFATE ION'
4 water water
#
loop_
_entity_poly.entity_id
_entity_poly.type
_entity_poly.pdbx_seq_one_letter_code
_entity_poly.pdbx_strand_id
1 'polypeptide(L)'
;MGQEGKGTCILVGGHEITSGLEVISSLRAIHGLQVEVCPLNGCDYIVSNRMVVERRSQSEMLNSVNKNKFIEQIQHLQSM
FERICVIVEKDREKTGDTSRMFRRTKSYDSLLTTLIGAGIRILFSSCQEETADLLKELSLVEQRKNVGIHVPTVVNSNKS
EALQFYLSIPNISYITALNMCHQFSSVKRMANSSLQEISMYAQVTHQKAEEIYRYIHYVFD
;
A
2 'polypeptide(L)'
;MGHIVANEKWRGSQLAQEMQGKIKLIFEDGLTPDFYLSNRCCILYVTEADLVAGNGYRKRLVRVRNSNNLKGIVVVEKTR
MSEQYFPALQKFTVLDLGMVLLPVASQMEASCLVIQLVQEQTKEPSKNPLLGKKRALLLSEPSLLRTVQQIPGVGKVKAP
LLLQKFPSIQQLSNASIGELEQVVGQAVAQQIHAFFTQPRLEHHHHHH
;
B
#
# COMPACT_ATOMS: atom_id res chain seq x y z
N GLY A 5 -9.96 18.40 8.49
CA GLY A 5 -8.57 17.92 8.80
C GLY A 5 -8.44 16.98 10.01
N LYS A 6 -9.34 17.13 10.98
CA LYS A 6 -9.31 16.34 12.22
C LYS A 6 -10.62 15.56 12.41
N GLY A 7 -10.54 14.48 13.20
CA GLY A 7 -11.65 13.53 13.33
C GLY A 7 -11.37 12.23 12.58
N THR A 8 -10.72 12.35 11.41
CA THR A 8 -10.31 11.21 10.59
C THR A 8 -9.67 10.07 11.40
N CYS A 9 -10.05 8.83 11.13
CA CYS A 9 -9.47 7.68 11.84
C CYS A 9 -8.14 7.22 11.22
N ILE A 10 -7.30 6.55 12.02
CA ILE A 10 -6.07 5.94 11.54
C ILE A 10 -5.69 4.74 12.43
N LEU A 11 -5.33 3.63 11.80
CA LEU A 11 -4.97 2.40 12.53
C LEU A 11 -3.46 2.32 12.72
N VAL A 12 -3.05 1.98 13.94
CA VAL A 12 -1.62 1.87 14.26
C VAL A 12 -1.32 0.52 14.88
N GLY A 13 -0.23 -0.11 14.42
CA GLY A 13 0.23 -1.36 15.00
C GLY A 13 0.83 -1.18 16.37
N GLY A 14 0.54 -2.11 17.27
CA GLY A 14 1.04 -2.07 18.66
C GLY A 14 2.54 -1.91 18.78
N HIS A 15 3.30 -2.55 17.90
CA HIS A 15 4.77 -2.46 17.89
C HIS A 15 5.29 -1.02 17.70
N GLU A 16 4.40 -0.12 17.29
CA GLU A 16 4.74 1.25 17.00
C GLU A 16 4.74 2.13 18.25
N ILE A 17 4.18 1.62 19.34
CA ILE A 17 4.14 2.33 20.63
C ILE A 17 5.53 2.46 21.25
N THR A 18 6.36 1.45 21.02
CA THR A 18 7.78 1.48 21.40
C THR A 18 8.62 2.12 20.29
N SER A 19 8.33 1.76 19.04
CA SER A 19 9.10 2.21 17.87
C SER A 19 8.90 3.70 17.54
N GLY A 20 7.65 4.14 17.40
CA GLY A 20 7.35 5.52 16.98
C GLY A 20 6.30 6.23 17.81
N LEU A 21 6.58 6.36 19.11
CA LEU A 21 5.64 6.96 20.05
C LEU A 21 5.38 8.45 19.76
N GLU A 22 6.41 9.16 19.31
CA GLU A 22 6.27 10.58 18.96
C GLU A 22 5.35 10.75 17.73
N VAL A 23 5.41 9.82 16.78
CA VAL A 23 4.51 9.82 15.61
C VAL A 23 3.06 9.71 16.08
N ILE A 24 2.75 8.65 16.81
CA ILE A 24 1.40 8.42 17.34
C ILE A 24 0.96 9.61 18.19
N SER A 25 1.86 10.11 19.02
CA SER A 25 1.58 11.24 19.89
C SER A 25 1.27 12.52 19.11
N SER A 26 2.07 12.77 18.08
CA SER A 26 1.88 13.94 17.21
C SER A 26 0.58 13.85 16.38
N LEU A 27 0.25 12.63 15.93
CA LEU A 27 -1.02 12.37 15.25
C LEU A 27 -2.23 12.71 16.11
N ARG A 28 -2.16 12.32 17.38
CA ARG A 28 -3.30 12.47 18.29
C ARG A 28 -3.41 13.86 18.92
N ALA A 29 -2.29 14.39 19.42
CA ALA A 29 -2.29 15.62 20.21
C ALA A 29 -2.16 16.89 19.36
N ILE A 30 -1.41 16.82 18.26
CA ILE A 30 -1.24 17.98 17.37
C ILE A 30 -2.36 18.01 16.34
N HIS A 31 -2.41 16.99 15.48
CA HIS A 31 -3.32 17.00 14.33
C HIS A 31 -4.72 16.49 14.70
N GLY A 32 -4.88 16.01 15.93
CA GLY A 32 -6.19 15.76 16.53
C GLY A 32 -7.09 14.74 15.87
N LEU A 33 -6.50 13.71 15.24
CA LEU A 33 -7.31 12.68 14.59
C LEU A 33 -7.47 11.42 15.46
N GLN A 34 -8.53 10.67 15.19
CA GLN A 34 -8.88 9.48 15.99
C GLN A 34 -7.95 8.32 15.67
N VAL A 35 -6.89 8.15 16.46
CA VAL A 35 -5.94 7.05 16.23
C VAL A 35 -6.39 5.84 17.07
N GLU A 36 -6.30 4.65 16.49
CA GLU A 36 -6.68 3.41 17.18
C GLU A 36 -5.54 2.39 17.09
N VAL A 37 -4.98 2.01 18.23
CA VAL A 37 -3.93 1.00 18.27
C VAL A 37 -4.54 -0.41 18.15
N CYS A 38 -4.07 -1.17 17.16
CA CYS A 38 -4.66 -2.47 16.82
C CYS A 38 -3.59 -3.55 16.67
N PRO A 39 -4.01 -4.84 16.64
CA PRO A 39 -3.07 -5.91 16.35
C PRO A 39 -2.96 -6.22 14.84
N LEU A 40 -2.19 -5.41 14.13
CA LEU A 40 -1.95 -5.60 12.69
C LEU A 40 -0.60 -6.33 12.55
N ASN A 41 -0.61 -7.66 12.60
CA ASN A 41 0.63 -8.45 12.72
C ASN A 41 1.75 -8.16 11.71
N GLY A 42 1.41 -7.64 10.52
CA GLY A 42 2.41 -7.41 9.47
C GLY A 42 2.62 -5.99 8.95
N CYS A 43 2.05 -4.98 9.62
CA CYS A 43 2.17 -3.58 9.14
C CYS A 43 2.04 -2.49 10.22
N ASP A 44 2.53 -1.29 9.87
CA ASP A 44 2.63 -0.17 10.81
C ASP A 44 1.33 0.63 10.92
N TYR A 45 0.99 1.36 9.86
CA TYR A 45 -0.19 2.25 9.85
C TYR A 45 -1.17 1.90 8.72
N ILE A 46 -2.46 1.74 9.06
CA ILE A 46 -3.53 1.66 8.06
C ILE A 46 -4.23 3.02 7.99
N VAL A 47 -4.03 3.72 6.86
CA VAL A 47 -4.40 5.14 6.72
C VAL A 47 -5.77 5.32 6.04
N SER A 48 -6.25 4.28 5.39
CA SER A 48 -7.59 4.25 4.82
C SER A 48 -8.02 2.81 4.63
N ASN A 49 -9.21 2.60 4.06
CA ASN A 49 -9.51 1.30 3.47
C ASN A 49 -8.53 1.21 2.31
N ARG A 50 -7.92 0.05 2.08
CA ARG A 50 -7.10 -0.14 0.89
C ARG A 50 -5.64 0.36 0.95
N MET A 51 -5.33 1.39 1.74
CA MET A 51 -3.92 1.86 1.84
C MET A 51 -3.24 1.59 3.19
N VAL A 52 -2.08 0.95 3.11
CA VAL A 52 -1.19 0.75 4.26
C VAL A 52 0.05 1.61 4.08
N VAL A 53 0.57 2.13 5.19
CA VAL A 53 1.83 2.88 5.19
C VAL A 53 2.86 2.15 6.06
N GLU A 54 4.12 2.22 5.65
CA GLU A 54 5.19 1.52 6.33
C GLU A 54 6.34 2.50 6.56
N ARG A 55 6.76 2.70 7.81
CA ARG A 55 7.91 3.57 8.08
C ARG A 55 9.17 2.77 8.39
N ARG A 56 10.29 3.26 7.85
CA ARG A 56 11.58 2.60 7.96
C ARG A 56 12.65 3.69 8.00
N SER A 57 13.72 3.48 8.75
CA SER A 57 14.77 4.49 8.88
C SER A 57 15.67 4.50 7.64
N GLN A 58 16.40 5.58 7.45
CA GLN A 58 17.32 5.66 6.30
C GLN A 58 18.49 4.67 6.48
N SER A 59 18.89 4.43 7.73
CA SER A 59 19.90 3.42 8.05
C SER A 59 19.41 2.01 7.66
N GLU A 60 18.22 1.66 8.12
CA GLU A 60 17.60 0.37 7.78
C GLU A 60 17.58 0.13 6.27
N MET A 61 17.15 1.14 5.52
CA MET A 61 17.07 1.02 4.06
C MET A 61 18.45 0.91 3.40
N LEU A 62 19.44 1.61 3.95
CA LEU A 62 20.80 1.55 3.41
C LEU A 62 21.51 0.24 3.82
N ASN A 63 21.18 -0.30 4.98
CA ASN A 63 21.72 -1.60 5.41
C ASN A 63 21.10 -2.73 4.58
N SER A 64 21.69 -3.00 3.41
CA SER A 64 21.12 -3.99 2.49
C SER A 64 21.40 -5.45 2.90
N VAL A 65 21.08 -5.78 4.15
CA VAL A 65 20.99 -7.18 4.62
C VAL A 65 19.53 -7.53 4.98
N ASN A 66 18.73 -6.50 5.29
CA ASN A 66 17.27 -6.63 5.35
C ASN A 66 16.63 -6.15 4.02
N LYS A 67 17.45 -6.07 2.98
CA LYS A 67 17.02 -5.81 1.61
C LYS A 67 15.95 -6.81 1.15
N ASN A 68 16.23 -8.10 1.34
CA ASN A 68 15.30 -9.16 0.93
C ASN A 68 14.12 -9.36 1.88
N LYS A 69 14.35 -9.17 3.18
CA LYS A 69 13.26 -9.22 4.15
C LYS A 69 12.23 -8.12 3.85
N PHE A 70 12.71 -6.91 3.58
CA PHE A 70 11.84 -5.78 3.28
C PHE A 70 10.97 -6.08 2.05
N ILE A 71 11.60 -6.57 0.99
CA ILE A 71 10.89 -6.93 -0.24
C ILE A 71 9.80 -7.97 0.04
N GLU A 72 10.11 -8.98 0.84
CA GLU A 72 9.13 -10.02 1.19
C GLU A 72 7.95 -9.47 2.01
N GLN A 73 8.21 -8.46 2.83
CA GLN A 73 7.15 -7.78 3.58
C GLN A 73 6.22 -6.99 2.64
N ILE A 74 6.80 -6.32 1.65
CA ILE A 74 6.03 -5.61 0.63
C ILE A 74 5.14 -6.57 -0.14
N GLN A 75 5.66 -7.76 -0.43
CA GLN A 75 4.91 -8.81 -1.12
C GLN A 75 3.71 -9.29 -0.30
N HIS A 76 3.91 -9.50 0.99
CA HIS A 76 2.84 -9.89 1.90
C HIS A 76 1.77 -8.81 1.97
N LEU A 77 2.20 -7.55 1.99
CA LEU A 77 1.27 -6.41 2.02
C LEU A 77 0.53 -6.25 0.69
N GLN A 78 1.20 -6.51 -0.42
CA GLN A 78 0.59 -6.45 -1.75
C GLN A 78 -0.64 -7.35 -1.89
N SER A 79 -0.62 -8.50 -1.22
CA SER A 79 -1.76 -9.41 -1.23
C SER A 79 -3.02 -8.83 -0.57
N MET A 80 -2.84 -7.97 0.45
CA MET A 80 -3.97 -7.45 1.24
C MET A 80 -4.37 -6.01 0.93
N PHE A 81 -3.49 -5.24 0.29
CA PHE A 81 -3.69 -3.80 0.10
C PHE A 81 -3.57 -3.35 -1.36
N GLU A 82 -4.54 -2.54 -1.82
CA GLU A 82 -4.52 -1.99 -3.19
C GLU A 82 -3.41 -0.96 -3.38
N ARG A 83 -3.18 -0.14 -2.37
CA ARG A 83 -2.17 0.92 -2.42
C ARG A 83 -1.21 0.78 -1.23
N ILE A 84 0.10 0.86 -1.49
CA ILE A 84 1.13 0.73 -0.45
C ILE A 84 2.06 1.93 -0.49
N CYS A 85 2.34 2.50 0.69
CA CYS A 85 3.23 3.65 0.78
C CYS A 85 4.29 3.43 1.86
N VAL A 86 5.54 3.83 1.58
CA VAL A 86 6.63 3.69 2.55
C VAL A 86 7.30 5.02 2.81
N ILE A 87 7.50 5.35 4.09
CA ILE A 87 8.11 6.61 4.52
C ILE A 87 9.51 6.32 5.02
N VAL A 88 10.51 6.86 4.33
CA VAL A 88 11.90 6.74 4.75
C VAL A 88 12.26 7.93 5.64
N GLU A 89 12.40 7.67 6.94
CA GLU A 89 12.61 8.69 7.96
C GLU A 89 14.10 8.77 8.32
N LYS A 90 14.63 9.98 8.48
CA LYS A 90 16.04 10.17 8.89
C LYS A 90 16.24 9.71 10.33
N ASP A 91 17.42 9.16 10.63
CA ASP A 91 17.71 8.62 11.98
C ASP A 91 18.04 9.71 13.01
N ARG A 92 17.84 9.39 14.29
CA ARG A 92 18.11 10.32 15.39
C ARG A 92 19.61 10.34 15.72
N LYS A 106 23.60 4.62 -2.79
CA LYS A 106 24.67 3.74 -2.39
C LYS A 106 24.25 2.27 -2.46
N SER A 107 24.13 1.75 -3.68
CA SER A 107 23.77 0.34 -3.96
C SER A 107 22.30 -0.05 -3.68
N TYR A 108 21.57 0.80 -2.95
CA TYR A 108 20.18 0.55 -2.59
C TYR A 108 19.21 1.28 -3.54
N ASP A 109 19.77 1.98 -4.52
CA ASP A 109 18.97 2.60 -5.59
C ASP A 109 18.19 1.55 -6.37
N SER A 110 18.66 0.31 -6.36
CA SER A 110 17.95 -0.83 -6.96
C SER A 110 16.68 -1.17 -6.16
N LEU A 111 16.78 -1.10 -4.83
CA LEU A 111 15.61 -1.30 -3.96
C LEU A 111 14.52 -0.28 -4.28
N LEU A 112 14.92 0.99 -4.38
CA LEU A 112 13.99 2.07 -4.68
C LEU A 112 13.31 1.90 -6.04
N THR A 113 14.07 1.49 -7.05
CA THR A 113 13.52 1.34 -8.39
C THR A 113 12.52 0.18 -8.51
N THR A 114 12.75 -0.92 -7.78
CA THR A 114 11.77 -2.02 -7.79
C THR A 114 10.48 -1.54 -7.13
N LEU A 115 10.61 -0.76 -6.06
CA LEU A 115 9.45 -0.20 -5.37
C LEU A 115 8.65 0.70 -6.31
N ILE A 116 9.32 1.69 -6.90
CA ILE A 116 8.73 2.59 -7.90
C ILE A 116 8.08 1.80 -9.04
N GLY A 117 8.85 0.86 -9.60
CA GLY A 117 8.38 -0.01 -10.67
C GLY A 117 7.16 -0.84 -10.31
N ALA A 118 7.00 -1.16 -9.03
CA ALA A 118 5.82 -1.87 -8.54
C ALA A 118 4.65 -0.95 -8.23
N GLY A 119 4.82 0.36 -8.45
CA GLY A 119 3.77 1.35 -8.20
C GLY A 119 3.56 1.64 -6.73
N ILE A 120 4.62 1.48 -5.94
CA ILE A 120 4.58 1.75 -4.50
C ILE A 120 5.09 3.17 -4.27
N ARG A 121 4.24 4.01 -3.67
CA ARG A 121 4.57 5.42 -3.39
C ARG A 121 5.57 5.53 -2.24
N ILE A 122 6.57 6.39 -2.38
CA ILE A 122 7.62 6.55 -1.36
C ILE A 122 7.76 8.03 -0.91
N LEU A 123 7.71 8.25 0.40
CA LEU A 123 7.88 9.57 1.01
C LEU A 123 9.17 9.66 1.82
N PHE A 124 9.68 10.87 2.02
CA PHE A 124 10.88 11.11 2.82
C PHE A 124 10.62 12.10 3.95
N SER A 125 11.03 11.72 5.16
CA SER A 125 10.76 12.49 6.37
C SER A 125 12.06 12.79 7.09
N SER A 126 12.13 13.93 7.78
CA SER A 126 13.32 14.32 8.54
C SER A 126 13.22 13.92 10.00
N CYS A 127 12.00 13.80 10.52
CA CYS A 127 11.77 13.43 11.91
C CYS A 127 10.40 12.76 12.10
N GLN A 128 10.16 12.21 13.29
CA GLN A 128 8.86 11.60 13.65
C GLN A 128 7.70 12.60 13.58
N GLU A 129 7.97 13.86 13.93
CA GLU A 129 6.99 14.94 13.82
C GLU A 129 6.57 15.17 12.36
N GLU A 130 7.56 15.19 11.47
CA GLU A 130 7.31 15.35 10.02
C GLU A 130 6.57 14.14 9.45
N THR A 131 6.92 12.94 9.94
CA THR A 131 6.24 11.70 9.55
C THR A 131 4.76 11.71 9.93
N ALA A 132 4.44 12.31 11.07
CA ALA A 132 3.05 12.45 11.50
C ALA A 132 2.29 13.39 10.57
N ASP A 133 2.93 14.49 10.18
CA ASP A 133 2.35 15.43 9.23
C ASP A 133 2.07 14.72 7.89
N LEU A 134 3.01 13.87 7.47
CA LEU A 134 2.86 13.08 6.25
C LEU A 134 1.66 12.13 6.32
N LEU A 135 1.50 11.45 7.45
CA LEU A 135 0.39 10.53 7.65
C LEU A 135 -0.96 11.26 7.72
N LYS A 136 -0.98 12.42 8.39
CA LYS A 136 -2.16 13.28 8.39
C LYS A 136 -2.58 13.61 6.96
N GLU A 137 -1.62 14.07 6.16
CA GLU A 137 -1.88 14.48 4.79
C GLU A 137 -2.33 13.33 3.87
N LEU A 138 -1.71 12.15 4.05
CA LEU A 138 -2.17 10.93 3.35
C LEU A 138 -3.62 10.58 3.68
N SER A 139 -3.99 10.76 4.95
CA SER A 139 -5.35 10.51 5.43
C SER A 139 -6.39 11.38 4.75
N LEU A 140 -6.09 12.67 4.62
CA LEU A 140 -7.02 13.63 4.03
C LEU A 140 -7.23 13.32 2.55
N VAL A 141 -6.15 13.08 1.81
CA VAL A 141 -6.23 12.71 0.39
C VAL A 141 -7.16 11.51 0.21
N GLU A 142 -6.97 10.49 1.04
CA GLU A 142 -7.79 9.28 0.98
C GLU A 142 -9.23 9.55 1.45
N GLN A 143 -9.41 10.50 2.37
CA GLN A 143 -10.75 10.93 2.79
C GLN A 143 -11.47 11.66 1.66
N ARG A 144 -10.76 12.55 0.98
CA ARG A 144 -11.28 13.27 -0.18
C ARG A 144 -11.68 12.31 -1.32
N LYS A 145 -10.95 11.19 -1.43
CA LYS A 145 -11.23 10.17 -2.45
C LYS A 145 -12.35 9.19 -2.04
N ASN A 146 -13.03 9.49 -0.93
CA ASN A 146 -14.17 8.70 -0.43
C ASN A 146 -13.82 7.27 -0.02
N VAL A 147 -12.53 6.97 0.03
CA VAL A 147 -12.04 5.68 0.52
C VAL A 147 -11.59 5.83 1.98
N GLY A 148 -12.12 6.87 2.63
CA GLY A 148 -11.87 7.13 4.04
C GLY A 148 -12.23 5.96 4.94
N ILE A 149 -11.60 5.94 6.11
CA ILE A 149 -11.57 4.75 6.96
C ILE A 149 -12.74 4.67 7.95
N HIS A 150 -13.31 5.82 8.31
CA HIS A 150 -14.40 5.91 9.32
C HIS A 150 -15.36 4.68 9.41
N VAL A 151 -15.33 4.04 10.59
CA VAL A 151 -16.15 2.85 10.92
C VAL A 151 -15.99 2.65 12.44
N PRO A 152 -16.88 1.88 13.10
CA PRO A 152 -16.79 1.72 14.57
C PRO A 152 -15.48 1.11 15.11
N THR A 153 -14.91 0.13 14.41
CA THR A 153 -13.71 -0.60 14.85
C THR A 153 -13.88 -1.28 16.24
N VAL A 154 -14.93 -2.10 16.38
CA VAL A 154 -15.23 -2.79 17.65
C VAL A 154 -15.03 -4.30 17.52
N SER A 160 -18.64 -7.05 19.25
CA SER A 160 -18.73 -7.91 18.07
C SER A 160 -17.43 -8.72 17.89
N GLU A 161 -17.58 -10.05 17.77
CA GLU A 161 -16.43 -10.96 17.71
C GLU A 161 -16.54 -12.00 16.56
N ALA A 162 -17.23 -11.62 15.48
CA ALA A 162 -17.18 -12.36 14.21
C ALA A 162 -15.98 -11.90 13.39
N LEU A 163 -15.21 -10.98 13.97
CA LEU A 163 -13.97 -10.46 13.40
C LEU A 163 -13.04 -11.61 13.03
N GLN A 164 -12.72 -12.45 14.02
CA GLN A 164 -11.74 -13.52 13.87
C GLN A 164 -12.04 -14.43 12.67
N PHE A 165 -13.32 -14.72 12.44
CA PHE A 165 -13.75 -15.51 11.27
C PHE A 165 -13.35 -14.84 9.97
N TYR A 166 -13.55 -13.52 9.86
CA TYR A 166 -13.16 -12.78 8.65
C TYR A 166 -11.63 -12.65 8.55
N LEU A 167 -10.96 -12.57 9.69
CA LEU A 167 -9.50 -12.49 9.75
C LEU A 167 -8.80 -13.77 9.26
N SER A 168 -9.48 -14.91 9.38
CA SER A 168 -8.94 -16.21 8.94
C SER A 168 -8.92 -16.37 7.42
N ILE A 169 -9.60 -15.48 6.70
CA ILE A 169 -9.56 -15.49 5.24
C ILE A 169 -8.21 -14.93 4.78
N PRO A 170 -7.46 -15.69 3.96
CA PRO A 170 -6.18 -15.17 3.48
C PRO A 170 -6.30 -13.86 2.68
N ASN A 171 -5.25 -13.04 2.74
CA ASN A 171 -5.15 -11.78 1.99
C ASN A 171 -6.21 -10.73 2.35
N ILE A 172 -6.63 -10.70 3.62
CA ILE A 172 -7.67 -9.77 4.07
C ILE A 172 -7.09 -8.85 5.14
N SER A 173 -6.99 -7.56 4.82
CA SER A 173 -6.47 -6.56 5.77
C SER A 173 -7.37 -6.43 6.99
N TYR A 174 -6.81 -5.92 8.08
CA TYR A 174 -7.55 -5.75 9.33
C TYR A 174 -8.76 -4.83 9.12
N ILE A 175 -8.59 -3.78 8.33
CA ILE A 175 -9.68 -2.87 8.02
C ILE A 175 -10.75 -3.49 7.10
N THR A 176 -10.34 -4.37 6.19
CA THR A 176 -11.31 -5.07 5.35
C THR A 176 -12.22 -5.92 6.25
N ALA A 177 -11.60 -6.81 7.03
CA ALA A 177 -12.31 -7.62 8.01
C ALA A 177 -13.22 -6.77 8.90
N LEU A 178 -12.72 -5.62 9.33
CA LEU A 178 -13.51 -4.70 10.17
C LEU A 178 -14.81 -4.27 9.51
N ASN A 179 -14.73 -3.65 8.33
CA ASN A 179 -15.93 -3.24 7.61
C ASN A 179 -16.59 -4.38 6.80
N MET A 180 -16.23 -5.62 7.12
CA MET A 180 -17.02 -6.79 6.75
C MET A 180 -17.97 -7.12 7.91
N CYS A 181 -17.51 -6.94 9.15
CA CYS A 181 -18.37 -7.10 10.32
C CYS A 181 -19.48 -6.07 10.29
N HIS A 182 -19.10 -4.80 10.12
CA HIS A 182 -20.05 -3.72 9.84
C HIS A 182 -20.41 -3.85 8.36
N GLN A 183 -21.47 -3.16 7.93
CA GLN A 183 -21.93 -3.17 6.53
C GLN A 183 -22.52 -4.52 6.03
N PHE A 184 -22.28 -5.61 6.75
CA PHE A 184 -22.97 -6.88 6.50
C PHE A 184 -23.83 -7.23 7.71
N SER A 185 -25.13 -7.42 7.46
CA SER A 185 -26.11 -7.73 8.52
C SER A 185 -25.84 -9.09 9.18
N SER A 186 -25.51 -10.07 8.35
CA SER A 186 -25.18 -11.42 8.81
C SER A 186 -23.97 -11.96 8.06
N VAL A 187 -23.17 -12.78 8.76
CA VAL A 187 -22.11 -13.56 8.10
C VAL A 187 -22.76 -14.58 7.16
N LYS A 188 -24.00 -14.97 7.49
CA LYS A 188 -24.86 -15.76 6.59
C LYS A 188 -25.11 -15.05 5.27
N ARG A 189 -25.52 -13.78 5.34
CA ARG A 189 -25.84 -12.99 4.14
C ARG A 189 -24.56 -12.59 3.40
N MET A 190 -23.46 -12.41 4.14
CA MET A 190 -22.13 -12.21 3.57
C MET A 190 -21.74 -13.39 2.68
N ALA A 191 -22.05 -14.59 3.15
CA ALA A 191 -21.74 -15.83 2.43
C ALA A 191 -22.57 -16.03 1.16
N ASN A 192 -23.74 -15.37 1.09
CA ASN A 192 -24.64 -15.48 -0.06
C ASN A 192 -24.75 -14.20 -0.88
N SER A 193 -23.82 -13.28 -0.68
CA SER A 193 -23.80 -12.00 -1.40
C SER A 193 -23.12 -12.11 -2.77
N SER A 194 -23.66 -11.43 -3.78
CA SER A 194 -23.08 -11.42 -5.13
C SER A 194 -21.81 -10.56 -5.15
N LEU A 195 -20.86 -10.94 -6.01
CA LEU A 195 -19.57 -10.23 -6.12
C LEU A 195 -19.67 -8.69 -6.17
N GLN A 196 -20.77 -8.18 -6.71
CA GLN A 196 -21.00 -6.73 -6.82
C GLN A 196 -21.13 -6.07 -5.45
N GLU A 197 -21.88 -6.70 -4.55
CA GLU A 197 -22.15 -6.11 -3.23
C GLU A 197 -21.09 -6.46 -2.17
N ILE A 198 -20.32 -7.54 -2.36
CA ILE A 198 -19.18 -7.79 -1.45
C ILE A 198 -18.07 -6.78 -1.78
N SER A 199 -17.89 -6.48 -3.06
CA SER A 199 -16.91 -5.48 -3.49
C SER A 199 -17.16 -4.12 -2.84
N MET A 200 -18.43 -3.75 -2.74
CA MET A 200 -18.82 -2.42 -2.24
C MET A 200 -18.92 -2.42 -0.71
N TYR A 201 -19.56 -3.43 -0.14
CA TYR A 201 -19.75 -3.48 1.31
C TYR A 201 -18.46 -3.83 2.07
N ALA A 202 -17.64 -4.72 1.52
CA ALA A 202 -16.33 -5.03 2.12
C ALA A 202 -15.28 -3.98 1.75
N GLN A 203 -15.62 -3.07 0.84
CA GLN A 203 -14.74 -1.97 0.41
C GLN A 203 -13.44 -2.47 -0.22
N VAL A 204 -13.57 -3.41 -1.17
CA VAL A 204 -12.42 -4.03 -1.85
C VAL A 204 -12.50 -3.89 -3.38
N THR A 205 -11.44 -4.33 -4.05
CA THR A 205 -11.33 -4.22 -5.52
C THR A 205 -12.32 -5.13 -6.26
N HIS A 206 -12.44 -4.91 -7.56
CA HIS A 206 -13.29 -5.70 -8.45
C HIS A 206 -12.83 -7.17 -8.59
N GLN A 207 -11.51 -7.38 -8.64
CA GLN A 207 -10.96 -8.74 -8.75
C GLN A 207 -10.85 -9.39 -7.37
N LYS A 208 -10.68 -8.56 -6.34
CA LYS A 208 -10.56 -9.05 -4.95
C LYS A 208 -11.87 -9.67 -4.48
N ALA A 209 -12.98 -9.04 -4.88
CA ALA A 209 -14.33 -9.56 -4.61
C ALA A 209 -14.55 -10.94 -5.22
N GLU A 210 -13.91 -11.21 -6.35
CA GLU A 210 -14.03 -12.52 -7.01
C GLU A 210 -13.22 -13.59 -6.26
N GLU A 211 -12.11 -13.19 -5.65
CA GLU A 211 -11.22 -14.13 -4.94
C GLU A 211 -11.83 -14.68 -3.65
N ILE A 212 -12.44 -13.81 -2.85
CA ILE A 212 -13.09 -14.24 -1.61
C ILE A 212 -14.41 -14.94 -1.94
N TYR A 213 -15.00 -14.62 -3.09
CA TYR A 213 -16.20 -15.31 -3.57
C TYR A 213 -15.89 -16.77 -3.87
N ARG A 214 -14.80 -16.99 -4.62
CA ARG A 214 -14.30 -18.35 -4.88
C ARG A 214 -13.89 -19.09 -3.58
N TYR A 215 -13.55 -18.33 -2.54
CA TYR A 215 -13.20 -18.90 -1.24
C TYR A 215 -14.44 -19.39 -0.47
N ILE A 216 -15.44 -18.52 -0.36
CA ILE A 216 -16.68 -18.86 0.35
C ILE A 216 -17.47 -19.95 -0.41
N HIS A 217 -17.36 -19.94 -1.74
CA HIS A 217 -18.11 -20.86 -2.60
C HIS A 217 -17.30 -22.07 -3.06
N TYR A 218 -16.10 -22.28 -2.50
CA TYR A 218 -15.26 -23.44 -2.85
C TYR A 218 -15.87 -24.75 -2.34
N VAL A 219 -16.11 -25.69 -3.26
CA VAL A 219 -16.71 -27.00 -2.93
C VAL A 219 -15.67 -28.12 -2.89
N PHE A 220 -15.81 -29.01 -1.91
CA PHE A 220 -14.96 -30.21 -1.77
C PHE A 220 -15.62 -31.40 -2.47
N HIS B 3 19.86 5.40 -26.70
CA HIS B 3 19.26 4.36 -25.78
C HIS B 3 18.13 4.95 -24.94
N ILE B 4 18.27 6.20 -24.49
CA ILE B 4 17.16 6.98 -23.92
C ILE B 4 17.19 8.47 -24.37
N VAL B 5 16.01 9.06 -24.60
CA VAL B 5 15.90 10.41 -25.16
C VAL B 5 16.05 11.47 -24.07
N ALA B 6 16.96 12.42 -24.30
CA ALA B 6 17.23 13.52 -23.35
C ALA B 6 16.89 14.89 -23.92
N ASN B 7 16.88 15.92 -23.07
CA ASN B 7 16.66 17.30 -23.51
C ASN B 7 17.98 17.98 -23.87
N GLU B 8 17.95 18.79 -24.93
CA GLU B 8 19.14 19.53 -25.41
C GLU B 8 19.82 20.30 -24.27
N LYS B 9 19.01 20.77 -23.32
CA LYS B 9 19.48 21.38 -22.07
C LYS B 9 20.64 20.65 -21.38
N TRP B 10 20.82 19.36 -21.67
CA TRP B 10 21.78 18.51 -20.95
C TRP B 10 23.06 18.13 -21.72
N ARG B 11 23.26 18.68 -22.91
CA ARG B 11 24.44 18.32 -23.73
C ARG B 11 25.76 18.71 -23.06
N GLY B 12 26.65 17.73 -22.91
CA GLY B 12 27.97 17.96 -22.33
C GLY B 12 28.03 18.19 -20.83
N SER B 13 26.92 17.95 -20.14
CA SER B 13 26.84 18.18 -18.68
C SER B 13 27.33 16.97 -17.88
N GLN B 14 27.52 17.16 -16.58
CA GLN B 14 28.01 16.12 -15.67
C GLN B 14 27.11 14.88 -15.69
N LEU B 15 25.80 15.11 -15.69
CA LEU B 15 24.80 14.05 -15.83
C LEU B 15 25.16 13.20 -17.07
N ALA B 16 25.22 13.87 -18.22
CA ALA B 16 25.46 13.22 -19.50
C ALA B 16 26.85 12.57 -19.61
N GLN B 17 27.84 13.19 -18.98
CA GLN B 17 29.21 12.66 -18.99
C GLN B 17 29.31 11.31 -18.30
N GLU B 18 28.59 11.15 -17.18
CA GLU B 18 28.62 9.91 -16.39
C GLU B 18 27.72 8.81 -16.97
N MET B 19 26.71 9.21 -17.75
CA MET B 19 25.82 8.24 -18.42
C MET B 19 26.41 7.75 -19.74
N GLN B 20 27.02 8.67 -20.49
CA GLN B 20 27.60 8.40 -21.83
C GLN B 20 28.09 6.96 -22.06
N GLY B 21 28.83 6.42 -21.10
CA GLY B 21 29.42 5.09 -21.23
C GLY B 21 28.42 3.93 -21.16
N LYS B 22 27.55 3.96 -20.15
CA LYS B 22 26.63 2.84 -19.88
C LYS B 22 25.29 2.99 -20.63
N ILE B 23 24.92 4.22 -20.99
CA ILE B 23 23.68 4.52 -21.74
C ILE B 23 23.97 5.54 -22.84
N LYS B 24 23.46 5.30 -24.05
CA LYS B 24 23.61 6.28 -25.13
C LYS B 24 22.43 7.26 -25.08
N LEU B 25 22.70 8.55 -25.37
CA LEU B 25 21.71 9.62 -25.23
C LEU B 25 21.36 10.30 -26.56
N ILE B 26 20.06 10.49 -26.81
CA ILE B 26 19.58 11.19 -28.00
C ILE B 26 19.06 12.56 -27.55
N PHE B 27 19.69 13.63 -28.03
CA PHE B 27 19.33 14.98 -27.59
C PHE B 27 18.27 15.60 -28.48
N GLU B 28 17.12 15.88 -27.88
CA GLU B 28 15.98 16.47 -28.57
C GLU B 28 15.70 17.87 -28.02
N ASP B 29 15.15 18.74 -28.86
CA ASP B 29 14.91 20.14 -28.48
C ASP B 29 13.44 20.39 -28.10
N GLY B 30 13.23 21.23 -27.09
CA GLY B 30 11.89 21.71 -26.73
C GLY B 30 10.99 20.82 -25.87
N LEU B 31 11.29 19.52 -25.77
CA LEU B 31 10.42 18.57 -25.04
C LEU B 31 10.25 18.95 -23.56
N THR B 32 9.08 18.62 -22.99
CA THR B 32 8.73 19.06 -21.64
C THR B 32 9.52 18.37 -20.51
N PRO B 33 9.63 17.02 -20.53
CA PRO B 33 10.51 16.40 -19.53
C PRO B 33 11.98 16.69 -19.78
N ASP B 34 12.84 16.26 -18.86
CA ASP B 34 14.29 16.31 -19.06
C ASP B 34 14.78 15.03 -19.73
N PHE B 35 14.11 13.91 -19.43
CA PHE B 35 14.42 12.62 -20.02
C PHE B 35 13.14 11.81 -20.27
N TYR B 36 13.17 10.95 -21.30
CA TYR B 36 12.12 9.97 -21.55
C TYR B 36 12.71 8.57 -21.40
N LEU B 37 12.11 7.76 -20.54
CA LEU B 37 12.52 6.37 -20.36
C LEU B 37 11.85 5.50 -21.42
N SER B 38 10.59 5.80 -21.72
CA SER B 38 9.81 5.04 -22.70
C SER B 38 8.67 5.89 -23.26
N ASN B 39 7.82 5.28 -24.08
CA ASN B 39 6.64 5.97 -24.65
C ASN B 39 5.47 6.07 -23.66
N ARG B 40 5.72 5.76 -22.39
CA ARG B 40 4.71 5.88 -21.33
C ARG B 40 5.29 6.33 -19.96
N CYS B 41 6.59 6.67 -19.93
CA CYS B 41 7.28 7.05 -18.69
C CYS B 41 8.39 8.09 -18.95
N CYS B 42 8.59 9.01 -18.00
CA CYS B 42 9.54 10.12 -18.17
C CYS B 42 10.08 10.69 -16.86
N ILE B 43 11.21 11.41 -16.94
CA ILE B 43 11.84 12.02 -15.76
C ILE B 43 11.83 13.55 -15.85
N LEU B 44 11.44 14.21 -14.76
CA LEU B 44 11.50 15.67 -14.63
C LEU B 44 12.55 16.03 -13.59
N TYR B 45 13.62 16.73 -14.00
CA TYR B 45 14.71 17.07 -13.10
C TYR B 45 14.53 18.48 -12.51
N VAL B 46 14.78 18.61 -11.21
CA VAL B 46 14.63 19.88 -10.48
C VAL B 46 15.94 20.25 -9.78
N THR B 47 16.51 21.41 -10.14
CA THR B 47 17.80 21.87 -9.63
C THR B 47 17.63 22.57 -8.27
N GLU B 48 18.68 22.50 -7.45
CA GLU B 48 18.76 23.25 -6.19
C GLU B 48 18.45 24.72 -6.47
N ALA B 49 18.99 25.23 -7.57
CA ALA B 49 18.82 26.62 -8.00
C ALA B 49 17.37 27.08 -8.04
N ASP B 50 16.50 26.31 -8.70
CA ASP B 50 15.08 26.69 -8.81
C ASP B 50 14.19 26.15 -7.68
N LEU B 51 14.80 25.91 -6.51
CA LEU B 51 14.07 25.90 -5.24
C LEU B 51 14.19 27.31 -4.63
N VAL B 52 13.46 28.26 -5.21
CA VAL B 52 13.45 29.65 -4.76
C VAL B 52 12.02 30.22 -4.76
N ALA B 53 11.05 29.36 -4.43
CA ALA B 53 9.61 29.68 -4.52
C ALA B 53 9.17 30.16 -5.92
N GLY B 54 9.96 29.83 -6.95
CA GLY B 54 9.68 30.20 -8.33
C GLY B 54 8.86 29.14 -9.04
N ASN B 55 8.29 29.52 -10.18
CA ASN B 55 7.41 28.62 -10.96
C ASN B 55 8.14 27.98 -12.16
N GLY B 56 9.45 27.81 -12.03
CA GLY B 56 10.28 27.25 -13.12
C GLY B 56 10.06 25.78 -13.41
N TYR B 57 9.57 25.04 -12.41
CA TYR B 57 9.29 23.60 -12.53
C TYR B 57 7.79 23.27 -12.41
N ARG B 58 7.05 24.06 -11.63
CA ARG B 58 5.67 23.74 -11.26
C ARG B 58 4.77 23.43 -12.44
N LYS B 59 4.74 24.33 -13.43
CA LYS B 59 3.86 24.18 -14.59
C LYS B 59 4.27 22.98 -15.48
N ARG B 60 5.57 22.68 -15.53
CA ARG B 60 6.05 21.48 -16.24
C ARG B 60 5.47 20.20 -15.65
N LEU B 61 5.50 20.09 -14.32
CA LEU B 61 4.95 18.92 -13.62
C LEU B 61 3.45 18.78 -13.90
N VAL B 62 2.74 19.91 -13.87
CA VAL B 62 1.28 19.90 -14.09
C VAL B 62 0.96 19.46 -15.52
N ARG B 63 1.72 19.97 -16.49
CA ARG B 63 1.55 19.55 -17.90
C ARG B 63 1.60 18.03 -18.01
N VAL B 64 2.64 17.43 -17.43
CA VAL B 64 2.85 15.98 -17.46
C VAL B 64 1.68 15.22 -16.82
N ARG B 65 1.12 15.77 -15.75
CA ARG B 65 -0.05 15.18 -15.08
C ARG B 65 -1.27 15.16 -16.00
N ASN B 66 -1.42 16.20 -16.82
CA ASN B 66 -2.54 16.31 -17.77
C ASN B 66 -2.51 15.26 -18.88
N SER B 67 -1.30 14.83 -19.27
CA SER B 67 -1.13 13.81 -20.31
C SER B 67 -1.75 12.48 -19.90
N ASN B 68 -2.65 11.97 -20.75
CA ASN B 68 -3.51 10.83 -20.40
C ASN B 68 -2.75 9.52 -20.08
N ASN B 69 -1.62 9.28 -20.76
CA ASN B 69 -0.85 8.03 -20.59
C ASN B 69 0.51 8.22 -19.90
N LEU B 70 1.11 9.40 -20.09
CA LEU B 70 2.48 9.67 -19.62
C LEU B 70 2.63 9.57 -18.10
N LYS B 71 3.60 8.76 -17.65
CA LYS B 71 3.85 8.54 -16.22
C LYS B 71 5.14 9.26 -15.81
N GLY B 72 5.00 10.37 -15.10
CA GLY B 72 6.14 11.20 -14.71
C GLY B 72 6.72 10.84 -13.36
N ILE B 73 8.05 10.91 -13.25
CA ILE B 73 8.75 10.74 -11.97
C ILE B 73 9.79 11.85 -11.75
N VAL B 74 9.63 12.63 -10.68
CA VAL B 74 10.41 13.85 -10.47
C VAL B 74 11.67 13.56 -9.66
N VAL B 75 12.81 14.08 -10.09
CA VAL B 75 14.08 13.93 -9.38
C VAL B 75 14.58 15.32 -8.97
N VAL B 76 14.95 15.49 -7.70
CA VAL B 76 15.30 16.82 -7.17
C VAL B 76 16.66 16.86 -6.45
N GLU B 77 17.39 17.96 -6.63
CA GLU B 77 18.63 18.21 -5.89
C GLU B 77 18.30 18.69 -4.46
N LYS B 78 18.56 17.82 -3.48
CA LYS B 78 18.37 18.14 -2.07
C LYS B 78 19.74 18.44 -1.43
N THR B 79 19.97 19.71 -1.08
CA THR B 79 21.22 20.17 -0.45
C THR B 79 20.88 21.04 0.75
N ARG B 80 21.89 21.40 1.55
CA ARG B 80 21.71 22.25 2.74
C ARG B 80 20.79 23.46 2.50
N MET B 81 20.93 24.08 1.32
CA MET B 81 20.17 25.29 0.98
C MET B 81 18.73 25.00 0.56
N SER B 82 18.52 23.92 -0.21
CA SER B 82 17.18 23.55 -0.68
C SER B 82 16.38 22.69 0.32
N GLU B 83 17.04 22.26 1.40
CA GLU B 83 16.46 21.37 2.41
C GLU B 83 15.11 21.89 2.93
N GLN B 84 15.05 23.19 3.24
CA GLN B 84 13.84 23.82 3.79
C GLN B 84 12.64 23.77 2.85
N TYR B 85 12.91 23.79 1.54
CA TYR B 85 11.85 23.84 0.52
C TYR B 85 11.29 22.46 0.12
N PHE B 86 11.97 21.38 0.51
CA PHE B 86 11.61 20.01 0.08
C PHE B 86 10.21 19.51 0.50
N PRO B 87 9.82 19.71 1.78
CA PRO B 87 8.49 19.26 2.24
C PRO B 87 7.32 19.79 1.40
N ALA B 88 7.43 21.00 0.88
CA ALA B 88 6.37 21.57 0.05
C ALA B 88 6.37 20.94 -1.36
N LEU B 89 7.57 20.69 -1.89
CA LEU B 89 7.73 20.04 -3.19
C LEU B 89 7.09 18.66 -3.13
N GLN B 90 7.39 17.93 -2.04
CA GLN B 90 6.87 16.58 -1.83
C GLN B 90 5.35 16.55 -1.60
N LYS B 91 4.82 17.58 -0.93
CA LYS B 91 3.37 17.67 -0.73
C LYS B 91 2.68 17.90 -2.08
N PHE B 92 3.31 18.69 -2.94
CA PHE B 92 2.75 19.05 -4.23
C PHE B 92 2.84 17.88 -5.22
N THR B 93 4.03 17.28 -5.32
CA THR B 93 4.29 16.23 -6.30
C THR B 93 3.61 14.90 -5.94
N VAL B 94 3.89 14.39 -4.75
CA VAL B 94 3.44 13.05 -4.38
C VAL B 94 1.98 13.04 -3.93
N LEU B 95 1.59 14.02 -3.11
CA LEU B 95 0.24 14.03 -2.54
C LEU B 95 -0.79 14.74 -3.43
N ASP B 96 -0.47 15.97 -3.87
CA ASP B 96 -1.38 16.71 -4.75
C ASP B 96 -1.44 16.11 -6.16
N LEU B 97 -0.27 15.83 -6.74
CA LEU B 97 -0.17 15.38 -8.15
C LEU B 97 -0.15 13.86 -8.34
N GLY B 98 0.30 13.12 -7.32
CA GLY B 98 0.33 11.65 -7.37
C GLY B 98 1.47 11.04 -8.16
N MET B 99 2.65 11.64 -8.08
CA MET B 99 3.84 11.19 -8.81
C MET B 99 4.90 10.59 -7.87
N VAL B 100 6.11 10.40 -8.41
CA VAL B 100 7.24 9.91 -7.64
C VAL B 100 8.27 11.04 -7.51
N LEU B 101 8.79 11.24 -6.29
CA LEU B 101 9.83 12.24 -6.05
C LEU B 101 11.08 11.56 -5.52
N LEU B 102 12.24 11.93 -6.08
CA LEU B 102 13.51 11.32 -5.70
C LEU B 102 14.55 12.37 -5.30
N PRO B 103 14.84 12.47 -3.99
CA PRO B 103 15.94 13.34 -3.53
C PRO B 103 17.30 12.84 -4.00
N VAL B 104 18.21 13.77 -4.25
CA VAL B 104 19.50 13.49 -4.84
C VAL B 104 20.45 14.59 -4.39
N ALA B 105 21.67 14.23 -3.97
CA ALA B 105 22.63 15.22 -3.46
C ALA B 105 23.27 15.99 -4.61
N SER B 106 24.10 15.32 -5.41
CA SER B 106 24.73 15.89 -6.58
C SER B 106 23.98 15.44 -7.83
N GLN B 107 24.29 16.01 -8.99
CA GLN B 107 23.80 15.46 -10.25
C GLN B 107 24.67 14.27 -10.68
N MET B 108 25.76 14.04 -9.95
CA MET B 108 26.55 12.82 -10.10
C MET B 108 25.81 11.62 -9.47
N GLU B 109 25.05 11.87 -8.42
CA GLU B 109 24.15 10.86 -7.82
C GLU B 109 22.96 10.52 -8.73
N ALA B 110 22.44 11.55 -9.42
CA ALA B 110 21.34 11.38 -10.35
C ALA B 110 21.75 10.52 -11.55
N SER B 111 23.02 10.56 -11.91
CA SER B 111 23.54 9.69 -12.96
C SER B 111 23.29 8.23 -12.61
N CYS B 112 23.83 7.78 -11.49
CA CYS B 112 23.66 6.41 -11.02
C CYS B 112 22.18 6.02 -10.88
N LEU B 113 21.37 6.97 -10.41
CA LEU B 113 19.95 6.73 -10.21
C LEU B 113 19.23 6.51 -11.54
N VAL B 114 19.44 7.42 -12.49
CA VAL B 114 18.80 7.31 -13.81
C VAL B 114 19.26 6.03 -14.53
N ILE B 115 20.53 5.68 -14.38
CA ILE B 115 21.03 4.42 -14.95
C ILE B 115 20.20 3.25 -14.44
N GLN B 116 20.14 3.08 -13.12
CA GLN B 116 19.40 1.97 -12.51
C GLN B 116 17.88 2.07 -12.77
N LEU B 117 17.40 3.28 -13.01
CA LEU B 117 16.00 3.54 -13.34
C LEU B 117 15.68 3.04 -14.75
N VAL B 118 16.63 3.22 -15.66
CA VAL B 118 16.54 2.68 -17.02
C VAL B 118 16.66 1.15 -17.00
N GLN B 119 17.66 0.63 -16.28
CA GLN B 119 17.83 -0.83 -16.13
C GLN B 119 16.54 -1.51 -15.65
N GLU B 120 15.88 -0.90 -14.67
CA GLU B 120 14.59 -1.37 -14.17
C GLU B 120 13.53 -1.37 -15.27
N GLN B 121 13.48 -0.29 -16.05
CA GLN B 121 12.44 -0.14 -17.07
C GLN B 121 12.67 -1.09 -18.26
N THR B 122 13.90 -1.14 -18.78
CA THR B 122 14.21 -1.97 -19.96
C THR B 122 14.10 -3.47 -19.70
N LYS B 123 14.52 -3.91 -18.51
CA LYS B 123 14.47 -5.34 -18.16
C LYS B 123 13.03 -5.84 -18.11
N GLU B 124 12.85 -7.15 -18.35
CA GLU B 124 11.52 -7.75 -18.59
C GLU B 124 10.57 -7.55 -17.40
N PRO B 125 9.25 -7.61 -17.65
CA PRO B 125 8.30 -7.56 -16.52
C PRO B 125 8.50 -8.73 -15.55
N SER B 126 8.08 -8.56 -14.30
CA SER B 126 8.24 -9.57 -13.25
C SER B 126 9.69 -10.01 -13.04
N LYS B 127 10.65 -9.20 -13.50
CA LYS B 127 12.06 -9.38 -13.16
C LYS B 127 12.32 -8.80 -11.76
N ASN B 128 11.52 -7.82 -11.35
CA ASN B 128 11.52 -7.37 -9.95
C ASN B 128 10.48 -8.18 -9.16
N PRO B 129 10.86 -8.67 -7.96
CA PRO B 129 10.04 -9.58 -7.15
C PRO B 129 8.60 -9.13 -6.89
N LEU B 130 8.38 -7.82 -6.89
CA LEU B 130 7.06 -7.24 -6.60
C LEU B 130 6.08 -7.33 -7.78
N LEU B 131 6.50 -7.95 -8.88
CA LEU B 131 5.64 -8.20 -10.03
C LEU B 131 5.76 -9.65 -10.48
N LEU B 138 -5.18 -19.72 -6.49
CA LEU B 138 -4.32 -20.47 -5.57
C LEU B 138 -5.04 -20.79 -4.25
N LEU B 139 -6.13 -21.55 -4.33
CA LEU B 139 -7.03 -21.79 -3.19
C LEU B 139 -6.43 -22.84 -2.24
N SER B 140 -6.40 -22.50 -0.95
CA SER B 140 -5.82 -23.36 0.09
C SER B 140 -6.91 -23.94 1.01
N GLU B 141 -7.10 -25.25 0.94
CA GLU B 141 -8.08 -25.96 1.79
C GLU B 141 -7.72 -25.92 3.29
N PRO B 142 -6.43 -26.03 3.64
CA PRO B 142 -6.05 -25.86 5.05
C PRO B 142 -6.52 -24.54 5.67
N SER B 143 -6.48 -23.46 4.91
CA SER B 143 -7.03 -22.17 5.35
C SER B 143 -8.54 -22.23 5.58
N LEU B 144 -9.24 -22.93 4.69
CA LEU B 144 -10.69 -23.11 4.81
C LEU B 144 -11.09 -23.86 6.09
N LEU B 145 -10.30 -24.86 6.47
CA LEU B 145 -10.51 -25.58 7.73
C LEU B 145 -10.24 -24.67 8.94
N ARG B 146 -9.15 -23.91 8.87
CA ARG B 146 -8.84 -22.88 9.87
C ARG B 146 -10.00 -21.87 10.02
N THR B 147 -10.58 -21.43 8.89
CA THR B 147 -11.68 -20.48 8.89
C THR B 147 -12.94 -21.05 9.55
N VAL B 148 -13.29 -22.29 9.22
CA VAL B 148 -14.43 -22.97 9.83
C VAL B 148 -14.15 -23.21 11.30
N GLN B 149 -12.91 -23.58 11.64
CA GLN B 149 -12.48 -23.75 13.03
C GLN B 149 -12.71 -22.49 13.89
N GLN B 150 -12.90 -21.34 13.24
CA GLN B 150 -13.11 -20.07 13.94
C GLN B 150 -14.58 -19.87 14.35
N ILE B 151 -15.48 -20.66 13.77
CA ILE B 151 -16.90 -20.66 14.15
C ILE B 151 -17.04 -21.36 15.50
N PRO B 152 -17.72 -20.74 16.46
CA PRO B 152 -17.91 -21.43 17.74
C PRO B 152 -19.03 -22.48 17.66
N GLY B 153 -18.87 -23.63 18.32
CA GLY B 153 -17.65 -24.04 19.03
C GLY B 153 -17.12 -25.31 18.39
N VAL B 154 -16.33 -25.16 17.33
CA VAL B 154 -15.76 -26.31 16.61
C VAL B 154 -14.23 -26.27 16.58
N GLY B 155 -13.61 -27.40 16.87
CA GLY B 155 -12.14 -27.50 16.90
C GLY B 155 -11.61 -28.25 15.70
N LYS B 156 -10.42 -28.86 15.86
CA LYS B 156 -9.74 -29.54 14.75
C LYS B 156 -10.48 -30.79 14.22
N VAL B 157 -11.34 -31.41 15.05
CA VAL B 157 -12.02 -32.67 14.67
C VAL B 157 -13.41 -32.44 14.07
N LYS B 158 -14.21 -31.56 14.68
CA LYS B 158 -15.56 -31.26 14.15
C LYS B 158 -15.53 -30.52 12.81
N ALA B 159 -14.49 -29.72 12.58
CA ALA B 159 -14.37 -28.93 11.35
C ALA B 159 -14.50 -29.77 10.06
N PRO B 160 -13.61 -30.77 9.84
CA PRO B 160 -13.71 -31.53 8.59
C PRO B 160 -15.01 -32.34 8.43
N LEU B 161 -15.63 -32.73 9.53
CA LEU B 161 -16.88 -33.50 9.50
C LEU B 161 -18.05 -32.64 9.00
N LEU B 162 -18.04 -31.36 9.35
CA LEU B 162 -19.04 -30.40 8.88
C LEU B 162 -18.90 -30.16 7.38
N LEU B 163 -17.67 -29.89 6.94
CA LEU B 163 -17.38 -29.66 5.52
C LEU B 163 -17.72 -30.89 4.65
N GLN B 164 -17.70 -32.08 5.25
CA GLN B 164 -18.06 -33.32 4.57
C GLN B 164 -19.55 -33.33 4.18
N LYS B 165 -20.41 -32.98 5.14
CA LYS B 165 -21.85 -32.89 4.89
C LYS B 165 -22.21 -31.64 4.08
N PHE B 166 -21.50 -30.53 4.32
CA PHE B 166 -21.73 -29.27 3.62
C PHE B 166 -20.44 -28.75 2.96
N PRO B 167 -20.17 -29.16 1.70
CA PRO B 167 -18.92 -28.90 0.95
C PRO B 167 -18.38 -27.45 0.88
N SER B 168 -19.17 -26.45 1.28
CA SER B 168 -18.71 -25.05 1.23
C SER B 168 -19.16 -24.23 2.44
N ILE B 169 -18.55 -23.05 2.61
CA ILE B 169 -18.95 -22.11 3.67
C ILE B 169 -20.35 -21.56 3.36
N GLN B 170 -20.64 -21.41 2.06
CA GLN B 170 -21.99 -21.05 1.60
C GLN B 170 -23.01 -22.06 2.12
N GLN B 171 -22.82 -23.34 1.78
CA GLN B 171 -23.75 -24.39 2.20
C GLN B 171 -23.83 -24.50 3.73
N LEU B 172 -22.69 -24.30 4.39
CA LEU B 172 -22.65 -24.27 5.85
C LEU B 172 -23.47 -23.11 6.43
N SER B 173 -23.50 -21.98 5.73
CA SER B 173 -24.21 -20.79 6.20
C SER B 173 -25.72 -20.96 6.20
N ASN B 174 -26.27 -21.45 5.09
CA ASN B 174 -27.70 -21.75 4.99
C ASN B 174 -27.99 -23.24 5.27
N ALA B 175 -27.52 -23.70 6.43
CA ALA B 175 -27.75 -25.08 6.90
C ALA B 175 -28.71 -25.08 8.10
N SER B 176 -29.81 -25.84 7.98
CA SER B 176 -30.84 -25.92 9.02
C SER B 176 -30.30 -26.56 10.30
N ILE B 177 -30.84 -26.12 11.44
CA ILE B 177 -30.47 -26.69 12.75
C ILE B 177 -30.69 -28.19 12.73
N GLY B 178 -31.76 -28.64 12.05
CA GLY B 178 -32.04 -30.05 11.86
C GLY B 178 -30.87 -30.81 11.23
N GLU B 179 -30.43 -30.36 10.06
CA GLU B 179 -29.30 -30.98 9.36
C GLU B 179 -27.99 -30.92 10.17
N LEU B 180 -27.80 -29.84 10.92
CA LEU B 180 -26.64 -29.69 11.81
C LEU B 180 -26.73 -30.63 13.03
N GLU B 181 -27.96 -30.89 13.51
CA GLU B 181 -28.17 -31.83 14.61
C GLU B 181 -27.56 -33.21 14.30
N GLN B 182 -27.76 -33.67 13.07
CA GLN B 182 -27.30 -34.99 12.64
C GLN B 182 -25.78 -35.16 12.79
N VAL B 183 -25.02 -34.16 12.33
CA VAL B 183 -23.56 -34.27 12.26
C VAL B 183 -22.84 -33.91 13.58
N VAL B 184 -23.35 -32.93 14.32
CA VAL B 184 -22.74 -32.51 15.60
C VAL B 184 -23.72 -32.55 16.78
N GLY B 185 -24.98 -32.19 16.55
CA GLY B 185 -26.04 -32.34 17.56
C GLY B 185 -26.13 -31.26 18.62
N GLN B 186 -27.29 -31.24 19.30
CA GLN B 186 -27.58 -30.38 20.47
C GLN B 186 -26.99 -28.94 20.43
N ALA B 187 -26.23 -28.55 21.45
CA ALA B 187 -25.76 -27.17 21.61
C ALA B 187 -24.84 -26.72 20.48
N VAL B 188 -23.94 -27.61 20.06
CA VAL B 188 -22.96 -27.30 19.00
C VAL B 188 -23.69 -26.97 17.69
N ALA B 189 -24.74 -27.73 17.38
CA ALA B 189 -25.54 -27.52 16.18
C ALA B 189 -26.24 -26.16 16.19
N GLN B 190 -26.78 -25.80 17.36
CA GLN B 190 -27.46 -24.51 17.55
C GLN B 190 -26.45 -23.35 17.63
N GLN B 191 -25.23 -23.67 18.07
CA GLN B 191 -24.14 -22.69 18.22
C GLN B 191 -23.60 -22.22 16.85
N ILE B 192 -23.67 -23.11 15.86
CA ILE B 192 -23.26 -22.79 14.49
C ILE B 192 -24.34 -21.98 13.77
N HIS B 193 -25.60 -22.35 13.96
CA HIS B 193 -26.73 -21.62 13.35
C HIS B 193 -26.90 -20.23 13.97
N ALA B 194 -26.64 -20.10 15.28
CA ALA B 194 -26.71 -18.81 15.96
C ALA B 194 -25.61 -17.86 15.46
N PHE B 195 -24.44 -18.41 15.16
CA PHE B 195 -23.32 -17.64 14.61
C PHE B 195 -23.71 -16.98 13.28
N PHE B 196 -24.29 -17.76 12.37
CA PHE B 196 -24.66 -17.26 11.04
C PHE B 196 -25.88 -16.32 11.05
N THR B 197 -26.90 -16.65 11.84
CA THR B 197 -28.12 -15.83 11.93
C THR B 197 -27.89 -14.58 12.78
N GLN B 198 -28.24 -13.41 12.22
CA GLN B 198 -27.97 -12.10 12.82
C GLN B 198 -26.50 -11.96 13.22
#